data_5CHZ
#
_entry.id   5CHZ
#
_cell.length_a   41.886
_cell.length_b   54.875
_cell.length_c   104.522
_cell.angle_alpha   90.00
_cell.angle_beta   90.00
_cell.angle_gamma   90.00
#
_symmetry.space_group_name_H-M   'P 21 21 21'
#
loop_
_entity.id
_entity.type
_entity.pdbx_description
1 polymer 'Methyl-CpG-binding domain protein 4'
2 polymer '7-mer DNA'
3 polymer '12-mer DNA(G)'
4 polymer '5-mer DNA'
5 non-polymer 'MAGNESIUM ION'
6 water water
#
loop_
_entity_poly.entity_id
_entity_poly.type
_entity_poly.pdbx_seq_one_letter_code
_entity_poly.pdbx_strand_id
1 'polypeptide(L)'
;MGSSHHHHHHSSGLVPRGSHMASMTGGQQMGRGSEFMALSPPRRKAFKKWTPPRSPFNLVQETLFHDPWKLLIATIFLNR
TSGKMAIPVLWKFLEKYPSAEVARTADWRDVSELLKPLGLYDLRAKTIVKFSDEYLTKQWKYPIELHGIGKYGNDSYRIF
CVNEWKQVHPEDHKLNKYHDWLWENHEKLSLS
;
A
2 'polydeoxyribonucleotide' (DC)(DC)(DA)(DG)(DC)(DG)(DT) C
3 'polydeoxyribonucleotide' (DG)(DC)(DT)(DG)(DC)(DG)(DC)(DG)(DC)(DT)(DG)(DG) D
4 'polydeoxyribonucleotide' (DG)(DC)(DA)(DG)(DC) B
#
# COMPACT_ATOMS: atom_id res chain seq x y z
N TRP A 50 -11.67 13.85 -2.93
CA TRP A 50 -10.99 13.08 -4.02
C TRP A 50 -11.39 11.64 -3.93
N THR A 51 -11.95 11.16 -5.02
CA THR A 51 -12.26 9.79 -5.16
C THR A 51 -11.56 9.26 -6.44
N PRO A 52 -10.47 8.52 -6.27
CA PRO A 52 -9.84 7.95 -7.47
C PRO A 52 -10.77 6.93 -8.17
N PRO A 53 -10.85 7.00 -9.53
CA PRO A 53 -11.78 6.16 -10.25
C PRO A 53 -11.36 4.71 -10.32
N ARG A 54 -12.36 3.86 -10.47
CA ARG A 54 -12.14 2.44 -10.76
C ARG A 54 -11.70 2.34 -12.22
N SER A 55 -10.81 1.39 -12.48
CA SER A 55 -10.12 1.29 -13.80
C SER A 55 -10.33 -0.10 -14.31
N PRO A 56 -10.11 -0.33 -15.60
CA PRO A 56 -10.14 -1.72 -16.13
C PRO A 56 -8.98 -2.59 -15.66
N PHE A 57 -8.03 -1.99 -14.98
CA PHE A 57 -6.84 -2.69 -14.46
C PHE A 57 -7.03 -3.22 -13.04
N ASN A 58 -8.12 -2.85 -12.39
CA ASN A 58 -8.46 -3.34 -11.06
C ASN A 58 -7.30 -3.37 -10.06
N LEU A 59 -6.69 -2.23 -9.84
CA LEU A 59 -5.60 -2.10 -8.87
C LEU A 59 -6.25 -2.16 -7.47
N VAL A 60 -5.63 -2.83 -6.54
CA VAL A 60 -6.22 -2.94 -5.19
C VAL A 60 -6.29 -1.58 -4.48
N GLN A 61 -5.40 -0.65 -4.82
CA GLN A 61 -5.42 0.66 -4.29
C GLN A 61 -6.77 1.33 -4.53
N GLU A 62 -7.46 0.90 -5.58
CA GLU A 62 -8.76 1.53 -5.94
C GLU A 62 -9.81 1.29 -4.84
N THR A 63 -9.62 0.23 -4.08
CA THR A 63 -10.60 -0.06 -3.03
C THR A 63 -10.12 0.31 -1.65
N LEU A 64 -8.84 0.65 -1.50
CA LEU A 64 -8.29 0.88 -0.16
C LEU A 64 -8.05 2.32 0.20
N PHE A 65 -8.32 3.22 -0.73
CA PHE A 65 -7.81 4.58 -0.65
C PHE A 65 -8.38 5.37 0.57
N HIS A 66 -9.49 4.94 1.10
CA HIS A 66 -10.07 5.63 2.31
C HIS A 66 -9.24 5.47 3.57
N ASP A 67 -8.36 4.45 3.57
CA ASP A 67 -7.54 4.20 4.74
C ASP A 67 -6.09 4.12 4.29
N PRO A 68 -5.35 5.19 4.44
CA PRO A 68 -4.01 5.28 3.86
C PRO A 68 -3.08 4.21 4.41
N TRP A 69 -3.28 3.84 5.68
CA TRP A 69 -2.44 2.78 6.28
C TRP A 69 -2.72 1.45 5.52
N LYS A 70 -3.95 1.07 5.30
CA LYS A 70 -4.27 -0.20 4.60
C LYS A 70 -3.76 -0.15 3.15
N LEU A 71 -3.85 1.01 2.52
CA LEU A 71 -3.37 1.12 1.14
C LEU A 71 -1.84 0.91 1.14
N LEU A 72 -1.14 1.56 2.05
CA LEU A 72 0.27 1.41 2.17
C LEU A 72 0.71 -0.05 2.53
N ILE A 73 0.01 -0.67 3.47
CA ILE A 73 0.25 -2.08 3.81
C ILE A 73 0.12 -2.95 2.56
N ALA A 74 -0.89 -2.63 1.74
CA ALA A 74 -1.06 -3.38 0.49
C ALA A 74 0.14 -3.22 -0.44
N THR A 75 0.67 -1.99 -0.50
CA THR A 75 1.88 -1.77 -1.34
C THR A 75 3.03 -2.68 -0.86
N ILE A 76 3.22 -2.76 0.45
CA ILE A 76 4.23 -3.66 1.03
C ILE A 76 3.97 -5.11 0.70
N PHE A 77 2.71 -5.57 0.80
CA PHE A 77 2.37 -6.93 0.40
C PHE A 77 2.72 -7.27 -1.06
N LEU A 78 2.70 -6.24 -1.93
CA LEU A 78 3.03 -6.37 -3.34
C LEU A 78 4.51 -6.22 -3.67
N ASN A 79 5.38 -5.99 -2.68
CA ASN A 79 6.85 -5.90 -2.94
C ASN A 79 7.32 -7.30 -3.47
N ARG A 80 7.68 -7.37 -4.74
CA ARG A 80 8.10 -8.65 -5.35
C ARG A 80 7.23 -9.86 -5.10
N THR A 81 5.92 -9.63 -5.09
CA THR A 81 4.97 -10.64 -4.81
C THR A 81 3.76 -10.40 -5.64
N SER A 82 3.28 -11.40 -6.39
CA SER A 82 2.06 -11.21 -7.23
C SER A 82 0.80 -10.88 -6.46
N GLY A 83 -0.06 -10.07 -7.08
CA GLY A 83 -1.36 -9.76 -6.46
C GLY A 83 -2.22 -10.99 -6.24
N LYS A 84 -2.10 -11.95 -7.16
CA LYS A 84 -2.88 -13.19 -7.08
C LYS A 84 -2.71 -13.85 -5.73
N MET A 85 -1.49 -13.79 -5.19
CA MET A 85 -1.24 -14.44 -3.88
C MET A 85 -1.32 -13.45 -2.78
N ALA A 86 -0.76 -12.24 -2.99
CA ALA A 86 -0.62 -11.26 -1.87
C ALA A 86 -2.00 -10.74 -1.37
N ILE A 87 -2.93 -10.55 -2.28
CA ILE A 87 -4.14 -9.81 -1.94
C ILE A 87 -5.10 -10.67 -1.07
N PRO A 88 -5.24 -11.97 -1.40
CA PRO A 88 -6.02 -12.85 -0.52
C PRO A 88 -5.41 -12.95 0.90
N VAL A 89 -4.07 -12.91 1.01
CA VAL A 89 -3.45 -12.90 2.37
C VAL A 89 -3.64 -11.56 3.03
N LEU A 90 -3.64 -10.49 2.26
CA LEU A 90 -3.92 -9.14 2.87
C LEU A 90 -5.20 -9.12 3.65
N TRP A 91 -6.25 -9.74 3.12
CA TRP A 91 -7.51 -9.68 3.86
C TRP A 91 -7.39 -10.45 5.17
N LYS A 92 -6.65 -11.57 5.17
CA LYS A 92 -6.40 -12.29 6.44
C LYS A 92 -5.60 -11.47 7.45
N PHE A 93 -4.55 -10.81 6.97
CA PHE A 93 -3.80 -9.90 7.77
C PHE A 93 -4.68 -8.81 8.33
N LEU A 94 -5.50 -8.18 7.49
CA LEU A 94 -6.32 -7.02 7.98
C LEU A 94 -7.39 -7.48 8.98
N GLU A 95 -7.85 -8.71 8.87
CA GLU A 95 -8.80 -9.23 9.89
C GLU A 95 -8.12 -9.29 11.22
N LYS A 96 -6.86 -9.71 11.23
CA LYS A 96 -6.14 -9.83 12.48
C LYS A 96 -5.48 -8.55 13.01
N TYR A 97 -5.07 -7.67 12.10
CA TYR A 97 -4.34 -6.42 12.41
C TYR A 97 -5.08 -5.32 11.68
N PRO A 98 -6.24 -4.92 12.22
CA PRO A 98 -7.10 -3.97 11.51
C PRO A 98 -6.59 -2.54 11.43
N SER A 99 -5.58 -2.18 12.18
CA SER A 99 -5.12 -0.79 12.25
C SER A 99 -3.66 -0.75 12.58
N ALA A 100 -3.02 0.39 12.29
CA ALA A 100 -1.63 0.69 12.67
C ALA A 100 -1.46 0.57 14.16
N GLU A 101 -2.50 0.96 14.93
CA GLU A 101 -2.44 0.91 16.37
C GLU A 101 -2.18 -0.53 16.86
N VAL A 102 -2.83 -1.55 16.28
CA VAL A 102 -2.57 -2.92 16.63
C VAL A 102 -1.27 -3.44 16.08
N ALA A 103 -1.00 -3.15 14.81
CA ALA A 103 0.19 -3.70 14.18
C ALA A 103 1.45 -3.20 14.86
N ARG A 104 1.47 -1.97 15.35
CA ARG A 104 2.69 -1.44 15.95
C ARG A 104 3.00 -2.16 17.25
N THR A 105 2.03 -2.80 17.87
CA THR A 105 2.27 -3.59 19.12
C THR A 105 2.51 -5.05 18.88
N ALA A 106 2.46 -5.49 17.65
CA ALA A 106 2.56 -6.93 17.36
C ALA A 106 4.02 -7.44 17.44
N ASP A 107 4.18 -8.74 17.70
CA ASP A 107 5.48 -9.38 17.62
C ASP A 107 5.64 -9.74 16.16
N TRP A 108 6.70 -9.24 15.55
CA TRP A 108 6.99 -9.53 14.18
C TRP A 108 7.04 -11.03 13.82
N ARG A 109 7.47 -11.86 14.77
CA ARG A 109 7.48 -13.29 14.54
C ARG A 109 6.08 -13.85 14.31
N ASP A 110 5.06 -13.28 14.96
CA ASP A 110 3.68 -13.77 14.73
C ASP A 110 3.20 -13.35 13.36
N VAL A 111 3.57 -12.11 12.98
CA VAL A 111 3.22 -11.58 11.64
C VAL A 111 3.85 -12.42 10.55
N SER A 112 5.12 -12.72 10.72
CA SER A 112 5.87 -13.58 9.79
C SER A 112 5.20 -14.93 9.56
N GLU A 113 4.71 -15.55 10.62
CA GLU A 113 3.94 -16.84 10.42
C GLU A 113 2.78 -16.69 9.48
N LEU A 114 2.03 -15.59 9.58
CA LEU A 114 0.89 -15.39 8.70
C LEU A 114 1.30 -15.14 7.22
N LEU A 115 2.46 -14.49 7.05
CA LEU A 115 3.04 -14.20 5.74
C LEU A 115 3.88 -15.18 5.08
N LYS A 116 4.18 -16.32 5.73
CA LYS A 116 5.09 -17.27 5.15
C LYS A 116 4.92 -17.58 3.66
N PRO A 117 3.66 -17.80 3.24
CA PRO A 117 3.45 -18.29 1.87
C PRO A 117 3.77 -17.20 0.82
N LEU A 118 3.92 -15.97 1.28
CA LEU A 118 4.21 -14.85 0.35
C LEU A 118 5.70 -14.69 0.16
N GLY A 119 6.49 -15.40 0.93
CA GLY A 119 7.91 -15.09 0.98
C GLY A 119 8.24 -13.72 1.57
N LEU A 120 9.55 -13.43 1.71
CA LEU A 120 10.02 -12.18 2.32
C LEU A 120 9.31 -11.97 3.69
N TYR A 121 9.10 -13.03 4.45
CA TYR A 121 8.22 -13.00 5.58
C TYR A 121 8.81 -12.37 6.83
N ASP A 122 10.09 -12.59 7.15
CA ASP A 122 10.67 -11.91 8.29
C ASP A 122 10.94 -10.44 7.96
N LEU A 123 11.43 -10.17 6.73
CA LEU A 123 11.73 -8.81 6.30
C LEU A 123 10.45 -7.99 6.38
N ARG A 124 9.39 -8.53 5.78
CA ARG A 124 8.16 -7.80 5.71
C ARG A 124 7.46 -7.69 7.01
N ALA A 125 7.51 -8.72 7.87
CA ALA A 125 6.90 -8.63 9.20
C ALA A 125 7.54 -7.50 9.99
N LYS A 126 8.87 -7.45 9.99
CA LYS A 126 9.58 -6.39 10.69
C LYS A 126 9.28 -5.01 10.13
N THR A 127 9.26 -4.90 8.79
CA THR A 127 8.85 -3.70 8.13
C THR A 127 7.45 -3.22 8.59
N ILE A 128 6.49 -4.13 8.63
CA ILE A 128 5.10 -3.76 8.91
C ILE A 128 4.98 -3.21 10.31
N VAL A 129 5.64 -3.84 11.27
CA VAL A 129 5.57 -3.36 12.62
C VAL A 129 6.24 -1.96 12.76
N LYS A 130 7.42 -1.78 12.19
CA LYS A 130 8.16 -0.50 12.26
C LYS A 130 7.45 0.60 11.48
N PHE A 131 7.00 0.30 10.27
CA PHE A 131 6.18 1.23 9.45
C PHE A 131 4.95 1.71 10.25
N SER A 132 4.27 0.75 10.85
CA SER A 132 3.05 1.04 11.61
C SER A 132 3.34 2.00 12.77
N ASP A 133 4.39 1.67 13.54
CA ASP A 133 4.91 2.58 14.61
C ASP A 133 5.18 4.01 14.09
N GLU A 134 5.94 4.10 13.01
CA GLU A 134 6.24 5.43 12.43
C GLU A 134 5.04 6.18 11.90
N TYR A 135 4.11 5.48 11.26
CA TYR A 135 2.96 6.06 10.68
C TYR A 135 2.22 6.87 11.74
N LEU A 136 2.14 6.29 12.95
CA LEU A 136 1.43 6.89 14.10
C LEU A 136 2.22 7.86 14.95
N THR A 137 3.53 7.70 14.99
CA THR A 137 4.35 8.43 15.97
C THR A 137 5.29 9.47 15.44
N LYS A 138 5.62 9.37 14.15
CA LYS A 138 6.55 10.32 13.49
C LYS A 138 5.78 11.43 12.81
N GLN A 139 6.40 12.60 12.64
CA GLN A 139 5.77 13.64 11.82
C GLN A 139 6.14 13.25 10.39
N TRP A 140 5.16 13.25 9.49
CA TRP A 140 5.43 13.04 8.10
C TRP A 140 4.35 13.68 7.28
N LYS A 141 4.74 14.09 6.09
CA LYS A 141 3.86 14.66 5.09
C LYS A 141 3.59 13.64 3.99
N TYR A 142 4.66 13.00 3.53
CA TYR A 142 4.49 11.89 2.57
C TYR A 142 5.05 10.59 3.09
N PRO A 143 4.37 9.46 2.79
CA PRO A 143 4.81 8.18 3.43
C PRO A 143 6.18 7.63 3.05
N ILE A 144 6.80 8.13 1.99
CA ILE A 144 8.19 7.75 1.70
C ILE A 144 9.11 8.12 2.83
N GLU A 145 8.69 9.08 3.67
CA GLU A 145 9.50 9.47 4.85
C GLU A 145 9.52 8.34 5.87
N LEU A 146 8.64 7.35 5.69
CA LEU A 146 8.51 6.27 6.66
C LEU A 146 9.30 5.04 6.18
N HIS A 147 9.77 4.27 7.16
CA HIS A 147 10.52 3.03 6.90
C HIS A 147 9.60 2.01 6.22
N GLY A 148 10.01 1.49 5.05
CA GLY A 148 9.32 0.42 4.39
C GLY A 148 8.50 0.92 3.20
N ILE A 149 8.35 2.23 3.02
CA ILE A 149 7.66 2.78 1.83
C ILE A 149 8.72 3.55 1.00
N GLY A 150 8.81 3.18 -0.27
CA GLY A 150 9.56 3.93 -1.24
C GLY A 150 8.75 4.65 -2.28
N LYS A 151 9.35 4.84 -3.44
CA LYS A 151 8.67 5.63 -4.48
C LYS A 151 7.39 5.00 -4.92
N TYR A 152 7.36 3.67 -5.02
CA TYR A 152 6.14 2.96 -5.45
C TYR A 152 4.94 3.16 -4.47
N GLY A 153 5.20 3.01 -3.19
CA GLY A 153 4.18 3.26 -2.18
C GLY A 153 3.79 4.71 -2.13
N ASN A 154 4.82 5.56 -2.22
CA ASN A 154 4.64 7.02 -2.21
C ASN A 154 3.82 7.47 -3.40
N ASP A 155 4.19 7.04 -4.59
CA ASP A 155 3.37 7.33 -5.76
C ASP A 155 1.93 6.83 -5.65
N SER A 156 1.75 5.63 -5.09
CA SER A 156 0.43 5.13 -4.88
C SER A 156 -0.41 6.04 -3.96
N TYR A 157 0.20 6.45 -2.84
CA TYR A 157 -0.43 7.38 -1.89
C TYR A 157 -0.85 8.69 -2.59
N ARG A 158 0.03 9.18 -3.45
CA ARG A 158 -0.16 10.51 -4.10
C ARG A 158 -1.14 10.53 -5.19
N ILE A 159 -1.41 9.36 -5.77
CA ILE A 159 -2.50 9.21 -6.75
C ILE A 159 -3.82 8.87 -6.09
N PHE A 160 -3.79 7.99 -5.08
CA PHE A 160 -5.01 7.43 -4.51
C PHE A 160 -5.56 8.11 -3.24
N CYS A 161 -4.67 8.53 -2.33
CA CYS A 161 -5.11 9.04 -1.01
C CYS A 161 -5.20 10.55 -0.97
N VAL A 162 -4.41 11.19 -1.83
CA VAL A 162 -4.50 12.67 -1.98
C VAL A 162 -4.63 12.99 -3.47
N ASN A 163 -4.99 14.22 -3.79
CA ASN A 163 -5.27 14.53 -5.19
C ASN A 163 -4.06 15.09 -5.89
N GLU A 164 -2.96 14.33 -5.91
CA GLU A 164 -1.76 14.79 -6.56
C GLU A 164 -1.41 13.98 -7.79
N TRP A 165 -2.38 13.27 -8.35
CA TRP A 165 -2.08 12.35 -9.47
C TRP A 165 -1.44 13.04 -10.66
N LYS A 166 -1.79 14.30 -10.88
CA LYS A 166 -1.15 15.00 -12.03
C LYS A 166 0.34 15.30 -11.88
N GLN A 167 0.85 15.24 -10.65
CA GLN A 167 2.26 15.44 -10.40
C GLN A 167 3.10 14.17 -10.29
N VAL A 168 2.46 13.00 -10.41
CA VAL A 168 3.14 11.75 -10.13
C VAL A 168 3.63 11.15 -11.47
N HIS A 169 4.81 10.53 -11.44
CA HIS A 169 5.40 9.90 -12.59
C HIS A 169 5.89 8.53 -12.22
N PRO A 170 4.98 7.54 -12.27
CA PRO A 170 5.32 6.23 -11.71
C PRO A 170 6.36 5.48 -12.53
N GLU A 171 7.12 4.66 -11.84
CA GLU A 171 8.05 3.71 -12.53
C GLU A 171 7.43 2.31 -12.51
N ASP A 172 6.54 2.02 -11.55
CA ASP A 172 5.90 0.72 -11.49
C ASP A 172 4.96 0.59 -12.65
N HIS A 173 5.06 -0.51 -13.40
CA HIS A 173 4.26 -0.67 -14.63
C HIS A 173 2.74 -0.62 -14.42
N LYS A 174 2.20 -1.34 -13.46
CA LYS A 174 0.76 -1.32 -13.31
C LYS A 174 0.31 0.09 -12.89
N LEU A 175 1.05 0.76 -11.99
CA LEU A 175 0.67 2.08 -11.57
C LEU A 175 0.77 3.07 -12.73
N ASN A 176 1.77 2.89 -13.57
CA ASN A 176 1.82 3.67 -14.80
C ASN A 176 0.65 3.47 -15.72
N LYS A 177 0.20 2.22 -15.92
CA LYS A 177 -0.99 1.96 -16.73
C LYS A 177 -2.18 2.72 -16.16
N TYR A 178 -2.40 2.62 -14.86
CA TYR A 178 -3.48 3.40 -14.22
C TYR A 178 -3.31 4.89 -14.46
N HIS A 179 -2.11 5.43 -14.24
CA HIS A 179 -1.86 6.88 -14.36
C HIS A 179 -2.05 7.36 -15.87
N ASP A 180 -1.50 6.59 -16.83
CA ASP A 180 -1.77 6.94 -18.25
C ASP A 180 -3.23 6.94 -18.54
N TRP A 181 -3.96 5.94 -18.02
CA TRP A 181 -5.40 5.84 -18.25
C TRP A 181 -6.14 7.03 -17.66
N LEU A 182 -5.65 7.52 -16.54
CA LEU A 182 -6.31 8.66 -15.92
C LEU A 182 -6.16 9.89 -16.79
N TRP A 183 -4.93 10.14 -17.28
CA TRP A 183 -4.71 11.25 -18.22
C TRP A 183 -5.57 11.14 -19.43
N GLU A 184 -5.64 9.94 -19.97
CA GLU A 184 -6.48 9.73 -21.15
C GLU A 184 -7.93 9.90 -20.90
N ASN A 185 -8.38 9.69 -19.66
CA ASN A 185 -9.83 9.64 -19.43
C ASN A 185 -10.41 10.67 -18.45
N HIS A 186 -9.60 11.57 -17.91
CA HIS A 186 -10.07 12.34 -16.73
C HIS A 186 -11.23 13.32 -17.09
N GLU A 187 -11.20 13.80 -18.33
CA GLU A 187 -12.25 14.71 -18.83
C GLU A 187 -13.57 13.95 -18.88
N LYS A 188 -13.53 12.78 -19.50
CA LYS A 188 -14.69 11.92 -19.58
C LYS A 188 -15.18 11.67 -18.17
N LEU A 189 -14.24 11.53 -17.23
CA LEU A 189 -14.58 11.35 -15.83
C LEU A 189 -14.58 12.74 -15.19
#